data_1AQU
#
_entry.id   1AQU
#
_cell.length_a   97.380
_cell.length_b   80.390
_cell.length_c   80.950
_cell.angle_alpha   90.00
_cell.angle_beta   90.00
_cell.angle_gamma   90.00
#
_symmetry.space_group_name_H-M   'P 21 21 2'
#
loop_
_entity.id
_entity.type
_entity.pdbx_description
1 polymer 'ESTROGEN SULFOTRANSFERASE'
2 non-polymer "ADENOSINE-3'-5'-DIPHOSPHATE"
3 non-polymer ESTRADIOL
4 water water
#
_entity_poly.entity_id   1
_entity_poly.type   'polypeptide(L)'
_entity_poly.pdbx_seq_one_letter_code
;GSMETSMPEYYEVFGEFRGVLMDKRFTKYWEDVEMFLARPDDLVIATYPKSGTTWISEVVYMIYKEGDVEKCKEDAIFNR
IPYLECRNEDLINGIKQLKEKESPRIVKTHLPPKLLPASFWEKNCKMIYLCRNAKDVAVSYYYFLLMITSYPNPKSFSEF
VEKFMQGQVPYGSWYDHVKAWWEKSKNSRVLFMFYEDMKEDIRREVVKLIEFLERKPSAELVDRIIQHTSFQEMKNNPST
NYTMMPEEMMNQKVSPFMRKGIIGDWKNHFPEALRERFDEHYKQQMKDCTVKFRMEL
;
_entity_poly.pdbx_strand_id   A,B
#
loop_
_chem_comp.id
_chem_comp.type
_chem_comp.name
_chem_comp.formula
A3P RNA linking ADENOSINE-3'-5'-DIPHOSPHATE 'C10 H15 N5 O10 P2'
EST non-polymer ESTRADIOL 'C18 H24 O2'
#
# COMPACT_ATOMS: atom_id res chain seq x y z
N GLU A 9 -10.74 -0.82 19.57
CA GLU A 9 -12.17 -1.15 19.81
C GLU A 9 -13.00 -1.15 18.52
N TYR A 10 -13.98 -2.05 18.48
CA TYR A 10 -14.87 -2.21 17.33
C TYR A 10 -15.40 -0.91 16.76
N TYR A 11 -16.03 -0.09 17.61
CA TYR A 11 -16.61 1.16 17.15
C TYR A 11 -15.63 2.33 17.01
N GLU A 12 -14.35 2.05 17.20
CA GLU A 12 -13.32 3.07 16.98
C GLU A 12 -12.90 2.86 15.52
N VAL A 13 -13.00 1.60 15.08
CA VAL A 13 -12.67 1.23 13.72
C VAL A 13 -13.83 1.48 12.75
N PHE A 14 -15.05 1.11 13.17
CA PHE A 14 -16.25 1.25 12.33
C PHE A 14 -17.25 2.30 12.84
N GLY A 15 -17.90 2.99 11.90
CA GLY A 15 -18.88 4.00 12.26
C GLY A 15 -20.01 4.09 11.25
N GLU A 16 -21.23 4.37 11.74
CA GLU A 16 -22.37 4.47 10.85
C GLU A 16 -22.35 5.74 10.03
N PHE A 17 -22.57 5.55 8.74
CA PHE A 17 -22.58 6.62 7.77
C PHE A 17 -23.87 6.51 6.94
N ARG A 18 -24.77 7.48 7.11
CA ARG A 18 -26.04 7.47 6.38
C ARG A 18 -26.75 6.13 6.56
N GLY A 19 -26.79 5.67 7.80
CA GLY A 19 -27.46 4.42 8.12
C GLY A 19 -26.77 3.11 7.79
N VAL A 20 -25.49 3.18 7.42
CA VAL A 20 -24.74 1.98 7.06
C VAL A 20 -23.40 1.94 7.82
N LEU A 21 -23.14 0.88 8.59
CA LEU A 21 -21.88 0.76 9.34
C LEU A 21 -20.73 0.61 8.33
N MET A 22 -19.71 1.44 8.47
CA MET A 22 -18.57 1.45 7.54
C MET A 22 -17.20 1.65 8.19
N ASP A 23 -16.15 1.18 7.51
CA ASP A 23 -14.78 1.35 7.96
C ASP A 23 -14.56 2.87 7.82
N LYS A 24 -14.18 3.54 8.91
CA LYS A 24 -13.98 5.00 8.87
C LYS A 24 -12.93 5.47 7.85
N ARG A 25 -11.99 4.60 7.51
CA ARG A 25 -10.97 4.97 6.53
C ARG A 25 -11.59 5.16 5.14
N PHE A 26 -12.73 4.52 4.88
CA PHE A 26 -13.44 4.62 3.60
C PHE A 26 -14.45 5.78 3.54
N THR A 27 -14.72 6.42 4.68
CA THR A 27 -15.67 7.54 4.68
C THR A 27 -15.02 8.89 5.03
N LYS A 28 -13.77 8.86 5.48
CA LYS A 28 -13.07 10.09 5.84
C LYS A 28 -13.05 11.08 4.67
N TYR A 29 -12.83 10.59 3.46
CA TYR A 29 -12.79 11.40 2.24
C TYR A 29 -13.96 11.03 1.32
N TRP A 30 -15.15 10.90 1.90
CA TRP A 30 -16.35 10.52 1.13
C TRP A 30 -16.63 11.37 -0.10
N GLU A 31 -16.29 12.66 -0.04
CA GLU A 31 -16.53 13.55 -1.18
C GLU A 31 -15.92 13.03 -2.49
N ASP A 32 -14.77 12.35 -2.39
CA ASP A 32 -14.09 11.82 -3.57
C ASP A 32 -14.94 10.73 -4.25
N VAL A 33 -15.71 9.99 -3.45
CA VAL A 33 -16.57 8.95 -4.00
C VAL A 33 -17.87 9.56 -4.53
N GLU A 34 -18.52 10.42 -3.74
CA GLU A 34 -19.78 11.02 -4.18
C GLU A 34 -19.70 11.77 -5.49
N MET A 35 -18.57 12.43 -5.72
CA MET A 35 -18.38 13.20 -6.94
C MET A 35 -17.66 12.45 -8.08
N PHE A 36 -17.50 11.13 -7.97
CA PHE A 36 -16.82 10.35 -9.01
C PHE A 36 -17.46 10.49 -10.39
N LEU A 37 -16.64 10.64 -11.43
CA LEU A 37 -17.11 10.77 -12.81
C LEU A 37 -17.08 9.45 -13.56
N ALA A 38 -18.25 8.92 -13.91
CA ALA A 38 -18.31 7.66 -14.66
C ALA A 38 -18.23 7.91 -16.17
N ARG A 39 -17.95 6.83 -16.92
CA ARG A 39 -17.87 6.87 -18.38
C ARG A 39 -18.97 5.94 -18.91
N PRO A 40 -19.53 6.25 -20.10
CA PRO A 40 -20.59 5.39 -20.65
C PRO A 40 -20.29 3.90 -20.73
N ASP A 41 -19.05 3.54 -21.04
CA ASP A 41 -18.69 2.14 -21.17
C ASP A 41 -18.12 1.45 -19.92
N ASP A 42 -18.24 2.10 -18.77
CA ASP A 42 -17.77 1.51 -17.51
C ASP A 42 -18.68 0.29 -17.17
N LEU A 43 -18.13 -0.76 -16.56
CA LEU A 43 -18.94 -1.90 -16.13
C LEU A 43 -18.77 -2.04 -14.62
N VAL A 44 -19.88 -2.08 -13.88
CA VAL A 44 -19.81 -2.19 -12.42
C VAL A 44 -20.12 -3.60 -11.92
N ILE A 45 -19.23 -4.14 -11.08
CA ILE A 45 -19.41 -5.46 -10.46
C ILE A 45 -19.65 -5.18 -8.98
N ALA A 46 -20.90 -5.39 -8.53
CA ALA A 46 -21.28 -5.13 -7.15
C ALA A 46 -21.66 -6.40 -6.37
N THR A 47 -21.24 -6.48 -5.11
CA THR A 47 -21.54 -7.64 -4.25
C THR A 47 -21.54 -7.28 -2.77
N TYR A 48 -22.19 -8.10 -1.95
CA TYR A 48 -22.12 -7.91 -0.51
C TYR A 48 -20.83 -8.69 -0.23
N PRO A 49 -20.01 -8.24 0.75
CA PRO A 49 -18.76 -8.98 1.04
C PRO A 49 -18.85 -10.50 1.15
N LYS A 50 -17.84 -11.19 0.59
CA LYS A 50 -17.68 -12.65 0.64
C LYS A 50 -18.72 -13.49 -0.10
N SER A 51 -19.24 -12.95 -1.21
CA SER A 51 -20.23 -13.64 -2.03
C SER A 51 -19.69 -14.21 -3.34
N GLY A 52 -18.38 -14.09 -3.58
CA GLY A 52 -17.79 -14.60 -4.82
C GLY A 52 -17.28 -13.51 -5.76
N THR A 53 -17.02 -12.33 -5.22
CA THR A 53 -16.53 -11.19 -6.02
C THR A 53 -15.30 -11.51 -6.84
N THR A 54 -14.29 -12.11 -6.20
CA THR A 54 -13.05 -12.46 -6.88
C THR A 54 -13.27 -13.47 -8.02
N TRP A 55 -14.12 -14.47 -7.77
CA TRP A 55 -14.43 -15.49 -8.78
C TRP A 55 -15.05 -14.88 -10.05
N ILE A 56 -16.15 -14.15 -9.90
CA ILE A 56 -16.80 -13.56 -11.08
C ILE A 56 -15.97 -12.43 -11.72
N SER A 57 -15.10 -11.80 -10.94
CA SER A 57 -14.24 -10.73 -11.46
C SER A 57 -13.27 -11.33 -12.50
N GLU A 58 -12.69 -12.48 -12.17
CA GLU A 58 -11.75 -13.14 -13.07
C GLU A 58 -12.45 -13.68 -14.35
N VAL A 59 -13.68 -14.17 -14.20
CA VAL A 59 -14.44 -14.66 -15.35
C VAL A 59 -14.67 -13.50 -16.35
N VAL A 60 -15.13 -12.36 -15.85
CA VAL A 60 -15.39 -11.19 -16.69
C VAL A 60 -14.13 -10.64 -17.36
N TYR A 61 -13.02 -10.61 -16.62
CA TYR A 61 -11.77 -10.12 -17.17
C TYR A 61 -11.35 -10.99 -18.35
N MET A 62 -11.48 -12.31 -18.18
CA MET A 62 -11.13 -13.25 -19.23
C MET A 62 -11.99 -13.03 -20.49
N ILE A 63 -13.26 -12.70 -20.28
CA ILE A 63 -14.17 -12.45 -21.39
C ILE A 63 -13.67 -11.23 -22.17
N TYR A 64 -13.32 -10.17 -21.46
CA TYR A 64 -12.81 -8.95 -22.09
C TYR A 64 -11.56 -9.24 -22.91
N LYS A 65 -10.73 -10.15 -22.42
CA LYS A 65 -9.49 -10.48 -23.11
C LYS A 65 -9.63 -11.67 -24.07
N GLU A 66 -10.86 -12.14 -24.24
CA GLU A 66 -11.15 -13.24 -25.15
C GLU A 66 -10.32 -14.52 -25.02
N GLY A 67 -10.29 -15.11 -23.82
CA GLY A 67 -9.54 -16.34 -23.65
C GLY A 67 -8.12 -16.20 -23.13
N ASP A 75 -0.35 -9.36 -13.25
CA ASP A 75 -0.71 -8.18 -12.40
C ASP A 75 -1.85 -8.54 -11.45
N ALA A 76 -1.71 -8.14 -10.18
CA ALA A 76 -2.71 -8.45 -9.17
C ALA A 76 -4.12 -8.08 -9.63
N ILE A 77 -5.11 -8.88 -9.25
CA ILE A 77 -6.48 -8.58 -9.66
C ILE A 77 -6.97 -7.22 -9.12
N PHE A 78 -6.47 -6.80 -7.95
CA PHE A 78 -6.89 -5.52 -7.39
C PHE A 78 -6.28 -4.32 -8.13
N ASN A 79 -5.43 -4.61 -9.11
CA ASN A 79 -4.81 -3.59 -9.94
C ASN A 79 -5.53 -3.56 -11.30
N ARG A 80 -5.88 -4.73 -11.80
CA ARG A 80 -6.60 -4.86 -13.08
C ARG A 80 -8.06 -4.37 -12.97
N ILE A 81 -8.67 -4.59 -11.80
CA ILE A 81 -10.06 -4.20 -11.54
C ILE A 81 -10.08 -3.46 -10.20
N PRO A 82 -9.91 -2.12 -10.23
CA PRO A 82 -9.89 -1.30 -9.01
C PRO A 82 -11.14 -1.37 -8.12
N TYR A 83 -10.90 -1.37 -6.81
CA TYR A 83 -11.94 -1.42 -5.77
C TYR A 83 -12.28 0.05 -5.45
N LEU A 84 -13.35 0.53 -6.07
CA LEU A 84 -13.83 1.91 -5.97
C LEU A 84 -13.64 2.72 -4.70
N GLU A 85 -14.32 2.32 -3.63
CA GLU A 85 -14.27 3.05 -2.37
C GLU A 85 -13.16 2.68 -1.41
N CYS A 86 -12.31 1.72 -1.77
CA CYS A 86 -11.19 1.34 -0.89
C CYS A 86 -10.17 2.48 -0.76
N ARG A 87 -9.81 2.81 0.47
CA ARG A 87 -8.89 3.91 0.74
C ARG A 87 -8.19 3.74 2.09
N ASN A 88 -6.86 3.96 2.08
CA ASN A 88 -6.06 3.90 3.31
C ASN A 88 -5.05 5.02 3.15
N GLU A 89 -5.48 6.24 3.46
CA GLU A 89 -4.68 7.46 3.33
C GLU A 89 -4.07 7.50 1.94
N ASP A 90 -2.75 7.73 1.85
CA ASP A 90 -2.11 7.85 0.53
C ASP A 90 -1.47 6.57 -0.01
N LEU A 91 -1.55 5.48 0.75
CA LEU A 91 -0.99 4.21 0.32
C LEU A 91 -1.91 3.44 -0.62
N ILE A 92 -3.21 3.46 -0.34
CA ILE A 92 -4.21 2.78 -1.19
C ILE A 92 -5.31 3.79 -1.53
N ASN A 93 -5.63 3.91 -2.81
CA ASN A 93 -6.67 4.86 -3.25
C ASN A 93 -7.32 4.36 -4.55
N GLY A 94 -8.48 3.71 -4.43
CA GLY A 94 -9.18 3.20 -5.60
C GLY A 94 -9.66 4.23 -6.61
N ILE A 95 -10.09 5.39 -6.12
CA ILE A 95 -10.55 6.47 -6.99
C ILE A 95 -9.43 6.95 -7.91
N LYS A 96 -8.23 7.13 -7.33
CA LYS A 96 -7.07 7.59 -8.08
C LYS A 96 -6.70 6.57 -9.13
N GLN A 97 -6.74 5.30 -8.78
CA GLN A 97 -6.45 4.22 -9.72
C GLN A 97 -7.38 4.29 -10.92
N LEU A 98 -8.68 4.52 -10.66
CA LEU A 98 -9.67 4.58 -11.73
C LEU A 98 -9.49 5.79 -12.64
N LYS A 99 -9.08 6.92 -12.09
CA LYS A 99 -8.88 8.11 -12.89
C LYS A 99 -7.74 7.90 -13.89
N GLU A 100 -6.81 7.02 -13.53
CA GLU A 100 -5.66 6.75 -14.39
C GLU A 100 -5.84 5.50 -15.25
N LYS A 101 -6.99 4.86 -15.16
CA LYS A 101 -7.27 3.63 -15.90
C LYS A 101 -7.86 3.90 -17.29
N GLU A 102 -7.29 3.22 -18.29
CA GLU A 102 -7.76 3.36 -19.67
C GLU A 102 -9.08 2.61 -19.85
N SER A 103 -9.96 3.16 -20.69
CA SER A 103 -11.26 2.54 -20.95
C SER A 103 -11.11 1.38 -21.93
N PRO A 104 -12.02 0.39 -21.87
CA PRO A 104 -13.17 0.27 -20.95
C PRO A 104 -12.79 -0.21 -19.55
N ARG A 105 -13.22 0.53 -18.53
CA ARG A 105 -12.91 0.19 -17.14
C ARG A 105 -13.89 -0.81 -16.48
N ILE A 106 -13.35 -1.67 -15.62
CA ILE A 106 -14.17 -2.62 -14.85
C ILE A 106 -14.01 -2.12 -13.40
N VAL A 107 -15.13 -1.79 -12.78
CA VAL A 107 -15.20 -1.23 -11.43
C VAL A 107 -15.79 -2.16 -10.35
N LYS A 108 -15.01 -2.44 -9.30
CA LYS A 108 -15.49 -3.29 -8.20
C LYS A 108 -16.02 -2.44 -7.04
N THR A 109 -17.12 -2.89 -6.41
CA THR A 109 -17.71 -2.19 -5.25
C THR A 109 -18.55 -3.11 -4.33
N HIS A 110 -18.67 -2.74 -3.06
CA HIS A 110 -19.48 -3.49 -2.08
C HIS A 110 -20.63 -2.59 -1.56
N LEU A 111 -20.81 -1.42 -2.18
CA LEU A 111 -21.85 -0.47 -1.74
C LEU A 111 -23.32 -0.79 -2.11
N PRO A 112 -24.27 -0.45 -1.20
CA PRO A 112 -25.71 -0.67 -1.46
C PRO A 112 -26.08 0.43 -2.47
N PRO A 113 -27.20 0.28 -3.21
CA PRO A 113 -27.58 1.29 -4.19
C PRO A 113 -27.61 2.77 -3.78
N LYS A 114 -28.06 3.06 -2.57
CA LYS A 114 -28.15 4.45 -2.11
C LYS A 114 -26.81 5.16 -1.87
N LEU A 115 -25.72 4.40 -1.79
CA LEU A 115 -24.39 5.00 -1.58
C LEU A 115 -23.51 5.02 -2.83
N LEU A 116 -23.93 4.34 -3.89
CA LEU A 116 -23.14 4.31 -5.13
C LEU A 116 -23.12 5.69 -5.81
N PRO A 117 -21.96 6.10 -6.36
CA PRO A 117 -21.89 7.41 -7.03
C PRO A 117 -23.03 7.59 -8.05
N ALA A 118 -23.77 8.68 -7.93
CA ALA A 118 -24.91 8.91 -8.81
C ALA A 118 -24.58 8.95 -10.32
N SER A 119 -23.34 9.27 -10.65
CA SER A 119 -22.92 9.35 -12.05
C SER A 119 -23.15 8.03 -12.81
N PHE A 120 -23.02 6.91 -12.10
CA PHE A 120 -23.21 5.60 -12.71
C PHE A 120 -24.65 5.42 -13.19
N TRP A 121 -25.62 5.89 -12.40
CA TRP A 121 -27.02 5.79 -12.79
C TRP A 121 -27.28 6.78 -13.94
N GLU A 122 -26.75 7.99 -13.82
CA GLU A 122 -26.94 9.01 -14.85
C GLU A 122 -26.45 8.57 -16.23
N LYS A 123 -25.36 7.81 -16.27
CA LYS A 123 -24.82 7.35 -17.55
C LYS A 123 -25.36 6.00 -18.02
N ASN A 124 -26.29 5.45 -17.25
CA ASN A 124 -26.93 4.16 -17.58
C ASN A 124 -25.95 3.02 -17.85
N CYS A 125 -24.88 2.98 -17.08
CA CYS A 125 -23.85 1.94 -17.21
C CYS A 125 -24.40 0.54 -16.92
N LYS A 126 -23.84 -0.46 -17.58
CA LYS A 126 -24.23 -1.85 -17.34
C LYS A 126 -23.65 -2.25 -15.97
N MET A 127 -24.33 -3.16 -15.28
CA MET A 127 -23.87 -3.63 -13.97
C MET A 127 -24.21 -5.09 -13.75
N ILE A 128 -23.39 -5.77 -12.94
CA ILE A 128 -23.60 -7.17 -12.60
C ILE A 128 -23.60 -7.26 -11.06
N TYR A 129 -24.68 -7.81 -10.49
CA TYR A 129 -24.79 -8.00 -9.04
C TYR A 129 -24.79 -9.48 -8.72
N LEU A 130 -23.95 -9.90 -7.77
CA LEU A 130 -23.88 -11.31 -7.37
C LEU A 130 -24.16 -11.49 -5.88
N CYS A 131 -24.98 -12.50 -5.54
CA CYS A 131 -25.29 -12.80 -4.14
C CYS A 131 -25.08 -14.29 -3.80
N ARG A 132 -25.10 -14.63 -2.51
CA ARG A 132 -24.86 -15.98 -2.01
C ARG A 132 -25.78 -16.18 -0.79
N ASN A 133 -26.18 -17.41 -0.47
CA ASN A 133 -27.09 -17.58 0.67
C ASN A 133 -26.50 -17.01 1.96
N ALA A 134 -27.35 -16.32 2.73
CA ALA A 134 -26.96 -15.63 3.96
C ALA A 134 -26.17 -16.39 5.01
N LYS A 135 -26.53 -17.64 5.28
CA LYS A 135 -25.82 -18.43 6.29
C LYS A 135 -24.36 -18.69 5.89
N ASP A 136 -24.15 -18.98 4.61
CA ASP A 136 -22.81 -19.25 4.11
C ASP A 136 -21.98 -17.97 4.05
N VAL A 137 -22.65 -16.84 3.82
CA VAL A 137 -21.96 -15.55 3.76
C VAL A 137 -21.43 -15.21 5.17
N ALA A 138 -22.23 -15.48 6.19
CA ALA A 138 -21.84 -15.20 7.57
C ALA A 138 -20.59 -15.96 8.01
N VAL A 139 -20.49 -17.22 7.58
CA VAL A 139 -19.33 -18.05 7.90
C VAL A 139 -18.07 -17.44 7.24
N SER A 140 -18.18 -17.13 5.95
CA SER A 140 -17.06 -16.53 5.21
C SER A 140 -16.63 -15.17 5.76
N TYR A 141 -17.59 -14.35 6.17
CA TYR A 141 -17.32 -13.02 6.72
C TYR A 141 -16.62 -13.09 8.10
N TYR A 142 -17.01 -14.07 8.91
CA TYR A 142 -16.42 -14.26 10.23
C TYR A 142 -14.90 -14.51 10.09
N TYR A 143 -14.51 -15.39 9.17
CA TYR A 143 -13.11 -15.68 8.98
C TYR A 143 -12.35 -14.47 8.41
N PHE A 144 -13.05 -13.68 7.61
CA PHE A 144 -12.42 -12.50 7.00
C PHE A 144 -12.02 -11.49 8.07
N LEU A 145 -12.83 -11.33 9.10
CA LEU A 145 -12.50 -10.39 10.18
C LEU A 145 -11.26 -10.87 10.93
N LEU A 146 -11.09 -12.19 11.05
CA LEU A 146 -9.93 -12.77 11.72
C LEU A 146 -8.67 -12.50 10.88
N MET A 147 -8.83 -12.60 9.54
CA MET A 147 -7.75 -12.37 8.59
C MET A 147 -7.22 -10.92 8.55
N ILE A 148 -8.13 -9.95 8.56
CA ILE A 148 -7.73 -8.54 8.53
C ILE A 148 -7.13 -8.11 9.89
N THR A 149 -5.84 -7.79 9.88
CA THR A 149 -5.13 -7.42 11.11
C THR A 149 -5.71 -6.24 11.89
N SER A 150 -6.17 -5.20 11.20
CA SER A 150 -6.74 -4.03 11.91
C SER A 150 -8.21 -4.15 12.32
N TYR A 151 -8.83 -5.30 12.07
CA TYR A 151 -10.23 -5.52 12.44
C TYR A 151 -10.27 -6.39 13.70
N PRO A 152 -10.96 -5.93 14.76
CA PRO A 152 -11.04 -6.72 16.00
C PRO A 152 -11.68 -8.10 15.81
N ASN A 153 -11.00 -9.14 16.27
CA ASN A 153 -11.50 -10.50 16.16
C ASN A 153 -12.76 -10.74 17.00
N PRO A 154 -13.83 -11.29 16.38
CA PRO A 154 -15.05 -11.54 17.16
C PRO A 154 -14.75 -12.53 18.30
N LYS A 155 -15.40 -12.34 19.44
CA LYS A 155 -15.19 -13.20 20.60
C LYS A 155 -15.63 -14.64 20.34
N SER A 156 -16.53 -14.80 19.37
CA SER A 156 -17.04 -16.12 18.99
C SER A 156 -17.92 -15.98 17.75
N PHE A 157 -18.14 -17.09 17.05
CA PHE A 157 -18.98 -17.09 15.86
C PHE A 157 -20.40 -16.60 16.17
N SER A 158 -20.98 -17.08 17.27
CA SER A 158 -22.34 -16.69 17.65
C SER A 158 -22.45 -15.18 17.85
N GLU A 159 -21.48 -14.60 18.54
CA GLU A 159 -21.49 -13.15 18.77
C GLU A 159 -21.45 -12.41 17.44
N PHE A 160 -20.69 -12.93 16.47
CA PHE A 160 -20.61 -12.32 15.15
C PHE A 160 -21.99 -12.40 14.46
N VAL A 161 -22.67 -13.54 14.59
CA VAL A 161 -23.97 -13.74 13.97
C VAL A 161 -25.04 -12.78 14.52
N GLU A 162 -24.97 -12.51 15.82
CA GLU A 162 -25.94 -11.58 16.42
C GLU A 162 -25.75 -10.19 15.78
N LYS A 163 -24.50 -9.81 15.52
CA LYS A 163 -24.20 -8.53 14.88
C LYS A 163 -24.69 -8.55 13.43
N PHE A 164 -24.47 -9.66 12.75
CA PHE A 164 -24.90 -9.81 11.36
C PHE A 164 -26.42 -9.61 11.21
N MET A 165 -27.19 -10.23 12.10
CA MET A 165 -28.64 -10.12 12.06
C MET A 165 -29.11 -8.69 12.28
N GLN A 166 -28.31 -7.93 13.01
CA GLN A 166 -28.63 -6.52 13.30
C GLN A 166 -28.09 -5.55 12.24
N GLY A 167 -27.31 -6.07 11.30
CA GLY A 167 -26.73 -5.21 10.27
C GLY A 167 -25.57 -4.40 10.84
N GLN A 168 -25.01 -4.86 11.96
CA GLN A 168 -23.90 -4.15 12.60
C GLN A 168 -22.52 -4.72 12.26
N VAL A 169 -22.28 -4.84 10.95
CA VAL A 169 -21.02 -5.34 10.40
C VAL A 169 -20.69 -4.41 9.23
N PRO A 170 -19.41 -4.36 8.78
CA PRO A 170 -19.08 -3.48 7.66
C PRO A 170 -19.98 -3.68 6.44
N TYR A 171 -20.47 -2.55 5.90
CA TYR A 171 -21.36 -2.49 4.73
C TYR A 171 -22.86 -2.73 5.09
N GLY A 172 -23.13 -2.80 6.40
CA GLY A 172 -24.50 -2.93 6.88
C GLY A 172 -25.30 -4.21 6.71
N SER A 173 -26.62 -4.04 6.68
CA SER A 173 -27.57 -5.16 6.55
C SER A 173 -27.54 -5.89 5.21
N TRP A 174 -27.27 -7.20 5.26
CA TRP A 174 -27.24 -8.05 4.05
C TRP A 174 -28.66 -8.05 3.45
N TYR A 175 -29.67 -8.09 4.32
CA TYR A 175 -31.07 -8.10 3.88
C TYR A 175 -31.43 -6.87 3.05
N ASP A 176 -31.11 -5.68 3.54
CA ASP A 176 -31.38 -4.42 2.81
C ASP A 176 -30.56 -4.34 1.52
N HIS A 177 -29.33 -4.84 1.55
CA HIS A 177 -28.41 -4.83 0.40
C HIS A 177 -29.01 -5.63 -0.78
N VAL A 178 -29.42 -6.88 -0.49
CA VAL A 178 -30.00 -7.76 -1.52
C VAL A 178 -31.35 -7.26 -2.04
N LYS A 179 -32.23 -6.85 -1.14
CA LYS A 179 -33.54 -6.35 -1.55
C LYS A 179 -33.44 -5.12 -2.45
N ALA A 180 -32.59 -4.16 -2.10
CA ALA A 180 -32.44 -2.95 -2.91
C ALA A 180 -31.83 -3.22 -4.29
N TRP A 181 -30.81 -4.07 -4.36
CA TRP A 181 -30.20 -4.38 -5.65
C TRP A 181 -31.14 -5.26 -6.53
N TRP A 182 -32.00 -6.05 -5.89
CA TRP A 182 -32.96 -6.90 -6.63
C TRP A 182 -33.93 -5.97 -7.34
N GLU A 183 -34.33 -4.90 -6.67
CA GLU A 183 -35.25 -3.95 -7.29
C GLU A 183 -34.59 -3.29 -8.49
N LYS A 184 -33.31 -2.96 -8.37
CA LYS A 184 -32.57 -2.31 -9.45
C LYS A 184 -32.45 -3.21 -10.67
N SER A 185 -32.41 -4.52 -10.44
CA SER A 185 -32.26 -5.48 -11.53
C SER A 185 -33.47 -5.59 -12.45
N LYS A 186 -34.47 -4.74 -12.23
CA LYS A 186 -35.65 -4.71 -13.10
C LYS A 186 -35.14 -4.17 -14.44
N ASN A 187 -34.07 -3.38 -14.38
CA ASN A 187 -33.43 -2.78 -15.55
C ASN A 187 -32.70 -3.86 -16.35
N SER A 188 -32.91 -3.88 -17.66
CA SER A 188 -32.27 -4.89 -18.50
C SER A 188 -30.75 -4.75 -18.51
N ARG A 189 -30.25 -3.61 -18.03
CA ARG A 189 -28.81 -3.39 -18.02
C ARG A 189 -28.13 -3.74 -16.69
N VAL A 190 -28.90 -4.30 -15.76
CA VAL A 190 -28.36 -4.73 -14.46
C VAL A 190 -28.66 -6.24 -14.31
N LEU A 191 -27.62 -7.07 -14.46
CA LEU A 191 -27.75 -8.53 -14.37
C LEU A 191 -27.65 -9.05 -12.92
N PHE A 192 -28.59 -9.91 -12.51
CA PHE A 192 -28.63 -10.48 -11.14
C PHE A 192 -28.27 -11.98 -11.19
N MET A 193 -27.27 -12.39 -10.42
CA MET A 193 -26.83 -13.79 -10.43
C MET A 193 -26.53 -14.34 -9.04
N PHE A 194 -26.36 -15.67 -8.97
CA PHE A 194 -26.12 -16.39 -7.71
C PHE A 194 -24.87 -17.28 -7.69
N TYR A 195 -24.19 -17.27 -6.54
CA TYR A 195 -22.98 -18.07 -6.32
C TYR A 195 -23.25 -19.57 -6.51
N GLU A 196 -24.39 -20.02 -5.97
CA GLU A 196 -24.76 -21.44 -6.05
C GLU A 196 -25.09 -21.92 -7.48
N ASP A 197 -25.48 -20.98 -8.36
CA ASP A 197 -25.77 -21.32 -9.75
C ASP A 197 -24.43 -21.50 -10.47
N MET A 198 -23.43 -20.71 -10.10
CA MET A 198 -22.09 -20.83 -10.70
C MET A 198 -21.46 -22.17 -10.24
N LYS A 199 -21.77 -22.58 -9.01
CA LYS A 199 -21.24 -23.83 -8.47
C LYS A 199 -21.91 -25.05 -9.15
N GLU A 200 -23.23 -25.03 -9.31
CA GLU A 200 -23.93 -26.18 -9.89
C GLU A 200 -24.10 -26.24 -11.41
N ASP A 201 -23.90 -25.11 -12.09
CA ASP A 201 -24.05 -25.09 -13.55
C ASP A 201 -23.21 -23.97 -14.16
N ILE A 202 -21.89 -24.11 -14.03
CA ILE A 202 -20.96 -23.12 -14.52
C ILE A 202 -21.04 -22.79 -16.02
N ARG A 203 -21.14 -23.82 -16.87
CA ARG A 203 -21.22 -23.59 -18.32
C ARG A 203 -22.39 -22.69 -18.68
N ARG A 204 -23.55 -22.93 -18.09
CA ARG A 204 -24.72 -22.10 -18.36
C ARG A 204 -24.48 -20.65 -17.93
N GLU A 205 -23.92 -20.46 -16.74
CA GLU A 205 -23.66 -19.12 -16.23
C GLU A 205 -22.61 -18.35 -17.04
N VAL A 206 -21.59 -19.07 -17.52
CA VAL A 206 -20.54 -18.43 -18.33
C VAL A 206 -21.09 -17.97 -19.68
N VAL A 207 -21.93 -18.81 -20.31
CA VAL A 207 -22.52 -18.45 -21.59
C VAL A 207 -23.41 -17.20 -21.41
N LYS A 208 -24.13 -17.15 -20.29
CA LYS A 208 -25.00 -16.03 -19.99
C LYS A 208 -24.21 -14.72 -19.86
N LEU A 209 -23.06 -14.79 -19.19
CA LEU A 209 -22.20 -13.61 -19.00
C LEU A 209 -21.58 -13.13 -20.31
N ILE A 210 -21.14 -14.07 -21.15
CA ILE A 210 -20.54 -13.72 -22.44
C ILE A 210 -21.59 -12.99 -23.30
N GLU A 211 -22.83 -13.45 -23.26
CA GLU A 211 -23.91 -12.83 -24.03
C GLU A 211 -24.31 -11.44 -23.50
N PHE A 212 -24.35 -11.28 -22.18
CA PHE A 212 -24.71 -10.00 -21.58
C PHE A 212 -23.66 -8.94 -21.97
N LEU A 213 -22.40 -9.37 -22.08
CA LEU A 213 -21.33 -8.44 -22.45
C LEU A 213 -21.17 -8.32 -23.97
N GLU A 214 -22.15 -8.85 -24.70
CA GLU A 214 -22.18 -8.80 -26.16
C GLU A 214 -21.02 -9.45 -26.92
N ARG A 215 -20.77 -10.74 -26.64
CA ARG A 215 -19.71 -11.46 -27.32
C ARG A 215 -20.22 -12.85 -27.72
N LYS A 216 -19.44 -13.58 -28.53
CA LYS A 216 -19.83 -14.92 -28.98
C LYS A 216 -19.37 -16.04 -28.06
N PRO A 217 -20.32 -16.85 -27.54
CA PRO A 217 -19.99 -17.96 -26.63
C PRO A 217 -19.53 -19.24 -27.35
N SER A 218 -18.40 -19.14 -28.06
CA SER A 218 -17.84 -20.28 -28.78
C SER A 218 -17.42 -21.38 -27.82
N ALA A 219 -17.33 -22.60 -28.31
CA ALA A 219 -16.95 -23.71 -27.46
C ALA A 219 -15.53 -23.58 -26.92
N GLU A 220 -14.61 -23.06 -27.74
CA GLU A 220 -13.23 -22.90 -27.32
C GLU A 220 -13.12 -21.90 -26.17
N LEU A 221 -13.83 -20.78 -26.29
CA LEU A 221 -13.80 -19.74 -25.27
C LEU A 221 -14.38 -20.21 -23.94
N VAL A 222 -15.60 -20.75 -23.97
CA VAL A 222 -16.25 -21.23 -22.77
C VAL A 222 -15.37 -22.22 -22.00
N ASP A 223 -14.75 -23.14 -22.73
CA ASP A 223 -13.92 -24.15 -22.11
C ASP A 223 -12.66 -23.60 -21.49
N ARG A 224 -12.09 -22.56 -22.10
CA ARG A 224 -10.87 -21.96 -21.56
C ARG A 224 -11.17 -21.27 -20.22
N ILE A 225 -12.31 -20.59 -20.15
CA ILE A 225 -12.71 -19.89 -18.93
C ILE A 225 -12.99 -20.86 -17.78
N ILE A 226 -13.76 -21.90 -18.07
CA ILE A 226 -14.11 -22.90 -17.04
C ILE A 226 -12.89 -23.54 -16.40
N GLN A 227 -11.85 -23.82 -17.18
CA GLN A 227 -10.65 -24.45 -16.64
C GLN A 227 -9.79 -23.48 -15.83
N HIS A 228 -9.74 -22.23 -16.27
CA HIS A 228 -8.94 -21.21 -15.60
C HIS A 228 -9.54 -20.68 -14.30
N THR A 229 -10.87 -20.72 -14.19
CA THR A 229 -11.53 -20.17 -13.01
C THR A 229 -12.03 -21.15 -11.94
N SER A 230 -11.54 -22.39 -11.97
CA SER A 230 -11.94 -23.37 -10.96
C SER A 230 -11.32 -22.94 -9.61
N PHE A 231 -11.88 -23.44 -8.50
CA PHE A 231 -11.35 -23.07 -7.19
C PHE A 231 -9.89 -23.51 -7.06
N GLN A 232 -9.56 -24.69 -7.57
CA GLN A 232 -8.20 -25.22 -7.48
C GLN A 232 -7.19 -24.34 -8.22
N GLU A 233 -7.54 -23.90 -9.42
CA GLU A 233 -6.66 -23.03 -10.19
C GLU A 233 -6.43 -21.68 -9.48
N MET A 234 -7.52 -20.98 -9.18
CA MET A 234 -7.44 -19.67 -8.53
C MET A 234 -6.77 -19.69 -7.16
N LYS A 235 -6.80 -20.83 -6.48
CA LYS A 235 -6.16 -20.93 -5.18
C LYS A 235 -4.65 -20.96 -5.36
N ASN A 236 -4.20 -21.40 -6.54
CA ASN A 236 -2.78 -21.48 -6.85
C ASN A 236 -2.27 -20.30 -7.68
N ASN A 237 -3.16 -19.44 -8.12
CA ASN A 237 -2.77 -18.29 -8.92
C ASN A 237 -2.46 -17.11 -8.02
N PRO A 238 -1.18 -16.69 -7.94
CA PRO A 238 -0.79 -15.56 -7.08
C PRO A 238 -1.48 -14.21 -7.41
N SER A 239 -2.00 -14.10 -8.62
CA SER A 239 -2.69 -12.89 -9.05
C SER A 239 -4.07 -12.79 -8.44
N THR A 240 -4.70 -13.93 -8.20
CA THR A 240 -6.04 -13.95 -7.63
C THR A 240 -6.19 -14.41 -6.17
N ASN A 241 -5.18 -15.06 -5.60
CA ASN A 241 -5.29 -15.54 -4.22
C ASN A 241 -4.88 -14.53 -3.12
N TYR A 242 -4.67 -13.30 -3.52
CA TYR A 242 -4.38 -12.15 -2.62
C TYR A 242 -3.06 -12.31 -1.80
N THR A 243 -2.09 -13.07 -2.36
CA THR A 243 -0.72 -13.24 -1.75
C THR A 243 0.15 -12.03 -2.18
N MET A 244 -0.38 -11.24 -3.12
CA MET A 244 0.31 -10.04 -3.60
C MET A 244 0.02 -8.85 -2.67
N MET A 245 -0.76 -9.12 -1.62
CA MET A 245 -1.11 -8.12 -0.62
C MET A 245 -0.37 -8.49 0.67
N PRO A 246 0.42 -7.56 1.24
CA PRO A 246 1.20 -7.76 2.47
C PRO A 246 0.49 -8.42 3.66
N GLU A 247 1.19 -9.37 4.28
CA GLU A 247 0.67 -10.09 5.43
C GLU A 247 0.40 -9.17 6.62
N GLU A 248 1.05 -8.00 6.63
CA GLU A 248 0.85 -7.03 7.70
C GLU A 248 -0.57 -6.46 7.65
N MET A 249 -1.19 -6.53 6.47
CA MET A 249 -2.54 -6.03 6.27
C MET A 249 -3.55 -7.16 6.29
N MET A 250 -3.24 -8.25 5.56
CA MET A 250 -4.10 -9.43 5.49
C MET A 250 -3.23 -10.65 5.77
N ASN A 251 -3.37 -11.21 6.97
CA ASN A 251 -2.59 -12.38 7.39
C ASN A 251 -3.26 -13.73 7.08
N GLN A 252 -2.87 -14.32 5.95
CA GLN A 252 -3.45 -15.59 5.54
C GLN A 252 -2.93 -16.80 6.31
N LYS A 253 -2.06 -16.55 7.28
CA LYS A 253 -1.55 -17.62 8.11
C LYS A 253 -2.67 -17.90 9.10
N VAL A 254 -3.46 -16.86 9.38
CA VAL A 254 -4.61 -16.95 10.28
C VAL A 254 -5.77 -17.64 9.55
N SER A 255 -6.02 -17.22 8.31
CA SER A 255 -7.06 -17.81 7.46
C SER A 255 -6.80 -17.37 6.02
N PRO A 256 -6.75 -18.34 5.08
CA PRO A 256 -6.50 -18.02 3.67
C PRO A 256 -7.71 -17.42 2.95
N PHE A 257 -7.45 -16.64 1.89
CA PHE A 257 -8.53 -16.03 1.12
C PHE A 257 -9.36 -17.11 0.41
N MET A 258 -8.69 -18.00 -0.31
CA MET A 258 -9.39 -19.11 -0.96
C MET A 258 -9.46 -20.18 0.13
N ARG A 259 -10.50 -20.09 0.95
CA ARG A 259 -10.73 -20.97 2.09
C ARG A 259 -11.24 -22.36 1.76
N LYS A 260 -12.52 -22.49 1.41
CA LYS A 260 -13.10 -23.79 1.08
C LYS A 260 -13.79 -23.80 -0.28
N GLY A 261 -14.53 -22.73 -0.58
CA GLY A 261 -15.23 -22.63 -1.85
C GLY A 261 -16.36 -23.60 -2.05
N ILE A 262 -17.13 -23.88 -1.01
CA ILE A 262 -18.24 -24.82 -1.11
C ILE A 262 -19.59 -24.26 -0.70
N ILE A 263 -20.64 -25.06 -0.87
CA ILE A 263 -21.99 -24.70 -0.48
C ILE A 263 -22.28 -25.50 0.79
N GLY A 264 -22.82 -24.85 1.81
CA GLY A 264 -23.14 -25.56 3.04
C GLY A 264 -22.20 -25.58 4.24
N ASP A 265 -21.17 -24.73 4.28
CA ASP A 265 -20.26 -24.74 5.43
C ASP A 265 -20.98 -24.25 6.71
N TRP A 266 -22.16 -23.67 6.57
CA TRP A 266 -22.90 -23.21 7.75
C TRP A 266 -23.22 -24.38 8.67
N LYS A 267 -23.31 -25.59 8.10
CA LYS A 267 -23.61 -26.80 8.86
C LYS A 267 -22.50 -27.16 9.86
N ASN A 268 -21.31 -26.63 9.62
CA ASN A 268 -20.17 -26.90 10.51
C ASN A 268 -19.92 -25.77 11.52
N HIS A 269 -20.77 -24.75 11.54
CA HIS A 269 -20.59 -23.61 12.45
C HIS A 269 -21.80 -23.19 13.28
N PHE A 270 -22.99 -23.29 12.70
CA PHE A 270 -24.24 -22.90 13.38
C PHE A 270 -24.83 -23.96 14.34
N PRO A 271 -24.88 -23.66 15.65
CA PRO A 271 -25.48 -24.68 16.52
C PRO A 271 -26.97 -24.70 16.12
N GLU A 272 -27.71 -25.74 16.51
CA GLU A 272 -29.13 -25.85 16.16
C GLU A 272 -30.01 -24.68 16.64
N ALA A 273 -29.86 -24.32 17.90
CA ALA A 273 -30.64 -23.23 18.49
C ALA A 273 -30.45 -21.94 17.68
N LEU A 274 -29.19 -21.63 17.36
CA LEU A 274 -28.89 -20.42 16.59
C LEU A 274 -29.47 -20.46 15.19
N ARG A 275 -29.36 -21.60 14.52
CA ARG A 275 -29.89 -21.73 13.15
C ARG A 275 -31.40 -21.47 13.10
N GLU A 276 -32.13 -21.98 14.08
CA GLU A 276 -33.57 -21.77 14.12
C GLU A 276 -33.90 -20.28 14.21
N ARG A 277 -33.23 -19.58 15.12
CA ARG A 277 -33.46 -18.15 15.31
C ARG A 277 -33.10 -17.34 14.07
N PHE A 278 -31.99 -17.71 13.42
CA PHE A 278 -31.54 -17.01 12.21
C PHE A 278 -32.57 -17.18 11.09
N ASP A 279 -32.96 -18.43 10.82
CA ASP A 279 -33.91 -18.73 9.77
C ASP A 279 -35.26 -18.06 10.02
N GLU A 280 -35.65 -17.98 11.28
CA GLU A 280 -36.91 -17.33 11.63
C GLU A 280 -36.81 -15.83 11.31
N HIS A 281 -35.69 -15.23 11.69
CA HIS A 281 -35.42 -13.81 11.46
C HIS A 281 -35.36 -13.53 9.95
N TYR A 282 -34.76 -14.45 9.20
CA TYR A 282 -34.65 -14.30 7.76
C TYR A 282 -36.05 -14.18 7.13
N LYS A 283 -36.96 -15.06 7.56
CA LYS A 283 -38.34 -15.08 7.06
C LYS A 283 -39.04 -13.71 7.16
N GLN A 284 -38.90 -13.07 8.33
CA GLN A 284 -39.51 -11.77 8.57
C GLN A 284 -38.85 -10.66 7.76
N GLN A 285 -37.56 -10.80 7.48
CA GLN A 285 -36.84 -9.79 6.71
C GLN A 285 -37.12 -9.92 5.21
N MET A 286 -37.23 -11.15 4.73
CA MET A 286 -37.43 -11.39 3.31
C MET A 286 -38.80 -11.91 2.89
N LYS A 287 -39.80 -11.77 3.75
CA LYS A 287 -41.17 -12.24 3.45
C LYS A 287 -41.74 -11.86 2.07
N ASP A 288 -41.64 -10.59 1.70
CA ASP A 288 -42.19 -10.15 0.42
C ASP A 288 -41.21 -10.01 -0.77
N CYS A 289 -40.02 -10.60 -0.66
CA CYS A 289 -39.03 -10.51 -1.74
C CYS A 289 -39.14 -11.71 -2.69
N THR A 290 -39.29 -11.46 -3.98
CA THR A 290 -39.43 -12.54 -4.96
C THR A 290 -38.13 -13.20 -5.45
N VAL A 291 -36.97 -12.78 -4.92
CA VAL A 291 -35.68 -13.34 -5.31
C VAL A 291 -35.67 -14.87 -5.24
N LYS A 292 -35.15 -15.51 -6.28
CA LYS A 292 -35.09 -16.98 -6.33
C LYS A 292 -33.74 -17.63 -5.99
N PHE A 293 -33.47 -17.88 -4.72
CA PHE A 293 -32.23 -18.56 -4.32
C PHE A 293 -32.39 -20.05 -4.69
N ARG A 294 -31.28 -20.75 -4.91
CA ARG A 294 -31.31 -22.16 -5.29
C ARG A 294 -31.56 -23.10 -4.11
N MET A 295 -32.40 -24.12 -4.31
CA MET A 295 -32.67 -25.08 -3.25
C MET A 295 -31.39 -25.86 -2.97
N GLU A 296 -31.06 -26.03 -1.70
CA GLU A 296 -29.86 -26.77 -1.36
C GLU A 296 -30.15 -27.45 -0.06
N GLU B 9 12.34 -14.02 12.01
CA GLU B 9 13.76 -13.86 12.45
C GLU B 9 14.50 -12.80 11.64
N TYR B 10 15.49 -12.18 12.27
CA TYR B 10 16.30 -11.15 11.62
C TYR B 10 16.79 -11.57 10.24
N TYR B 11 17.45 -12.71 10.16
CA TYR B 11 18.00 -13.17 8.88
C TYR B 11 17.01 -13.89 7.96
N GLU B 12 15.74 -13.89 8.33
CA GLU B 12 14.69 -14.45 7.47
C GLU B 12 14.18 -13.22 6.70
N VAL B 13 14.27 -12.05 7.34
CA VAL B 13 13.84 -10.80 6.75
C VAL B 13 14.95 -10.17 5.88
N PHE B 14 16.19 -10.20 6.39
CA PHE B 14 17.34 -9.61 5.67
C PHE B 14 18.35 -10.64 5.17
N GLY B 15 18.94 -10.36 4.01
CA GLY B 15 19.94 -11.24 3.43
C GLY B 15 20.99 -10.49 2.61
N GLU B 16 22.24 -10.96 2.65
CA GLU B 16 23.32 -10.30 1.89
C GLU B 16 23.13 -10.42 0.36
N PHE B 17 23.21 -9.29 -0.33
CA PHE B 17 23.09 -9.23 -1.79
C PHE B 17 24.31 -8.44 -2.33
N ARG B 18 25.20 -9.15 -3.02
CA ARG B 18 26.41 -8.54 -3.54
C ARG B 18 27.17 -7.75 -2.46
N GLY B 19 27.34 -8.41 -1.31
CA GLY B 19 28.07 -7.83 -0.19
C GLY B 19 27.39 -6.74 0.62
N VAL B 20 26.07 -6.58 0.44
CA VAL B 20 25.31 -5.57 1.18
C VAL B 20 24.03 -6.20 1.78
N LEU B 21 23.85 -6.12 3.10
CA LEU B 21 22.65 -6.67 3.74
C LEU B 21 21.42 -5.85 3.28
N MET B 22 20.40 -6.54 2.77
CA MET B 22 19.21 -5.87 2.27
C MET B 22 17.90 -6.56 2.63
N ASP B 23 16.81 -5.79 2.60
CA ASP B 23 15.46 -6.31 2.84
C ASP B 23 15.19 -7.17 1.59
N LYS B 24 14.89 -8.44 1.77
CA LYS B 24 14.65 -9.35 0.64
C LYS B 24 13.54 -8.91 -0.31
N ARG B 25 12.59 -8.13 0.18
CA ARG B 25 11.49 -7.66 -0.67
C ARG B 25 12.01 -6.69 -1.74
N PHE B 26 13.14 -6.03 -1.46
CA PHE B 26 13.75 -5.08 -2.39
C PHE B 26 14.74 -5.74 -3.38
N THR B 27 15.07 -7.01 -3.17
CA THR B 27 15.99 -7.69 -4.07
C THR B 27 15.36 -8.86 -4.85
N LYS B 28 14.13 -9.23 -4.47
CA LYS B 28 13.43 -10.32 -5.16
C LYS B 28 13.33 -10.06 -6.68
N TYR B 29 13.03 -8.81 -7.04
CA TYR B 29 12.89 -8.40 -8.44
C TYR B 29 14.00 -7.41 -8.82
N TRP B 30 15.23 -7.72 -8.41
CA TRP B 30 16.37 -6.83 -8.67
C TRP B 30 16.54 -6.43 -10.14
N GLU B 31 16.17 -7.29 -11.05
CA GLU B 31 16.31 -7.01 -12.47
C GLU B 31 15.64 -5.69 -12.88
N ASP B 32 14.53 -5.36 -12.23
CA ASP B 32 13.78 -4.14 -12.54
C ASP B 32 14.61 -2.88 -12.18
N VAL B 33 15.45 -3.00 -11.15
CA VAL B 33 16.29 -1.88 -10.74
C VAL B 33 17.54 -1.81 -11.61
N GLU B 34 18.21 -2.94 -11.81
CA GLU B 34 19.44 -2.94 -12.62
C GLU B 34 19.27 -2.41 -14.03
N MET B 35 18.13 -2.72 -14.66
CA MET B 35 17.88 -2.28 -16.01
C MET B 35 17.11 -0.97 -16.10
N PHE B 36 16.98 -0.25 -14.99
CA PHE B 36 16.24 1.01 -15.01
C PHE B 36 16.78 2.01 -16.02
N LEU B 37 15.87 2.65 -16.77
CA LEU B 37 16.26 3.64 -17.78
C LEU B 37 16.21 5.07 -17.25
N ALA B 38 17.37 5.72 -17.14
CA ALA B 38 17.40 7.10 -16.67
C ALA B 38 17.21 8.11 -17.81
N ARG B 39 16.90 9.35 -17.45
CA ARG B 39 16.72 10.45 -18.40
C ARG B 39 17.81 11.49 -18.09
N PRO B 40 18.29 12.22 -19.10
CA PRO B 40 19.33 13.22 -18.86
C PRO B 40 19.06 14.23 -17.74
N ASP B 41 17.81 14.66 -17.61
CA ASP B 41 17.48 15.65 -16.60
C ASP B 41 17.00 15.11 -15.25
N ASP B 42 17.17 13.81 -15.01
CA ASP B 42 16.80 13.19 -13.72
C ASP B 42 17.75 13.74 -12.63
N LEU B 43 17.24 13.93 -11.41
CA LEU B 43 18.10 14.37 -10.30
C LEU B 43 18.04 13.26 -9.22
N VAL B 44 19.20 12.79 -8.77
CA VAL B 44 19.23 11.74 -7.76
C VAL B 44 19.61 12.29 -6.37
N ILE B 45 18.79 11.95 -5.37
CA ILE B 45 19.02 12.33 -3.98
C ILE B 45 19.36 11.01 -3.26
N ALA B 46 20.62 10.85 -2.87
CA ALA B 46 21.10 9.63 -2.20
C ALA B 46 21.55 9.87 -0.77
N THR B 47 21.23 8.93 0.12
CA THR B 47 21.59 9.02 1.54
C THR B 47 21.67 7.66 2.21
N TYR B 48 22.40 7.58 3.33
CA TYR B 48 22.41 6.36 4.10
C TYR B 48 21.15 6.59 4.96
N PRO B 49 20.40 5.54 5.30
CA PRO B 49 19.18 5.74 6.11
C PRO B 49 19.32 6.63 7.37
N LYS B 50 18.29 7.47 7.58
CA LYS B 50 18.16 8.36 8.74
C LYS B 50 19.17 9.51 8.86
N SER B 51 19.59 10.03 7.71
CA SER B 51 20.55 11.14 7.66
C SER B 51 19.92 12.50 7.30
N GLY B 52 18.60 12.54 7.13
CA GLY B 52 17.93 13.80 6.77
C GLY B 52 17.35 13.79 5.35
N THR B 53 17.12 12.61 4.79
CA THR B 53 16.56 12.48 3.44
C THR B 53 15.28 13.28 3.23
N THR B 54 14.33 13.14 4.15
CA THR B 54 13.04 13.83 4.06
C THR B 54 13.21 15.36 4.12
N TRP B 55 14.11 15.83 4.96
CA TRP B 55 14.39 17.27 5.09
C TRP B 55 14.90 17.87 3.78
N ILE B 56 16.00 17.34 3.25
CA ILE B 56 16.54 17.87 1.99
C ILE B 56 15.68 17.60 0.76
N SER B 57 14.83 16.58 0.83
CA SER B 57 13.93 16.27 -0.28
C SER B 57 12.91 17.40 -0.41
N GLU B 58 12.36 17.87 0.71
CA GLU B 58 11.37 18.94 0.69
C GLU B 58 12.01 20.28 0.24
N VAL B 59 13.24 20.54 0.65
CA VAL B 59 13.94 21.77 0.24
C VAL B 59 14.08 21.81 -1.29
N VAL B 60 14.57 20.71 -1.87
CA VAL B 60 14.74 20.62 -3.32
C VAL B 60 13.43 20.73 -4.10
N TYR B 61 12.37 20.11 -3.58
CA TYR B 61 11.08 20.16 -4.25
C TYR B 61 10.59 21.60 -4.31
N MET B 62 10.76 22.32 -3.20
CA MET B 62 10.36 23.72 -3.13
C MET B 62 11.12 24.56 -4.15
N ILE B 63 12.41 24.25 -4.33
CA ILE B 63 13.23 24.97 -5.29
C ILE B 63 12.66 24.78 -6.70
N TYR B 64 12.33 23.53 -7.04
CA TYR B 64 11.77 23.22 -8.35
C TYR B 64 10.46 24.00 -8.56
N LYS B 65 9.68 24.14 -7.49
CA LYS B 65 8.39 24.84 -7.54
C LYS B 65 8.48 26.32 -7.15
N GLU B 66 9.68 26.87 -7.09
CA GLU B 66 9.89 28.28 -6.71
C GLU B 66 9.31 28.64 -5.34
N GLU B 74 0.77 18.68 -0.67
CA GLU B 74 -0.54 17.98 -0.45
C GLU B 74 -0.36 16.48 -0.61
N ASP B 75 -0.02 16.05 -1.82
CA ASP B 75 0.22 14.62 -2.05
C ASP B 75 1.41 14.23 -1.18
N ALA B 76 1.38 13.02 -0.62
CA ALA B 76 2.46 12.52 0.23
C ALA B 76 3.83 12.70 -0.45
N ILE B 77 4.87 12.96 0.35
CA ILE B 77 6.20 13.14 -0.21
C ILE B 77 6.71 11.88 -0.94
N PHE B 78 6.29 10.69 -0.50
CA PHE B 78 6.73 9.46 -1.15
C PHE B 78 6.03 9.24 -2.50
N ASN B 79 5.13 10.14 -2.85
CA ASN B 79 4.43 10.09 -4.13
C ASN B 79 5.06 11.13 -5.06
N ARG B 80 5.39 12.30 -4.49
CA ARG B 80 6.01 13.40 -5.24
C ARG B 80 7.45 13.07 -5.64
N ILE B 81 8.15 12.35 -4.76
CA ILE B 81 9.55 11.96 -4.99
C ILE B 81 9.65 10.44 -4.71
N PRO B 82 9.45 9.61 -5.74
CA PRO B 82 9.50 8.15 -5.61
C PRO B 82 10.82 7.57 -5.09
N TYR B 83 10.67 6.55 -4.24
CA TYR B 83 11.79 5.83 -3.61
C TYR B 83 12.11 4.66 -4.57
N LEU B 84 13.13 4.89 -5.41
CA LEU B 84 13.58 3.96 -6.45
C LEU B 84 13.46 2.44 -6.24
N GLU B 85 14.22 1.90 -5.30
CA GLU B 85 14.25 0.47 -5.06
C GLU B 85 13.20 -0.11 -4.10
N CYS B 86 12.36 0.75 -3.53
CA CYS B 86 11.31 0.28 -2.61
C CYS B 86 10.30 -0.60 -3.36
N ARG B 87 10.02 -1.77 -2.81
CA ARG B 87 9.10 -2.71 -3.45
C ARG B 87 8.50 -3.69 -2.44
N ASN B 88 7.18 -3.88 -2.50
CA ASN B 88 6.46 -4.82 -1.64
C ASN B 88 5.41 -5.46 -2.57
N GLU B 89 5.86 -6.46 -3.33
CA GLU B 89 5.05 -7.16 -4.31
C GLU B 89 4.32 -6.16 -5.20
N ASP B 90 3.00 -6.27 -5.34
CA ASP B 90 2.24 -5.36 -6.20
C ASP B 90 1.58 -4.17 -5.52
N LEU B 91 1.74 -4.05 -4.20
CA LEU B 91 1.17 -2.94 -3.45
C LEU B 91 2.04 -1.68 -3.50
N ILE B 92 3.36 -1.85 -3.43
CA ILE B 92 4.31 -0.74 -3.50
C ILE B 92 5.36 -1.06 -4.57
N ASN B 93 5.61 -0.13 -5.49
CA ASN B 93 6.58 -0.33 -6.56
C ASN B 93 7.14 1.01 -7.03
N GLY B 94 8.32 1.39 -6.52
CA GLY B 94 8.95 2.65 -6.90
C GLY B 94 9.33 2.81 -8.37
N ILE B 95 9.77 1.71 -8.99
CA ILE B 95 10.16 1.71 -10.41
C ILE B 95 8.95 2.07 -11.28
N LYS B 96 7.81 1.46 -10.99
CA LYS B 96 6.59 1.70 -11.75
C LYS B 96 6.16 3.15 -11.61
N GLN B 97 6.25 3.68 -10.39
CA GLN B 97 5.92 5.07 -10.15
C GLN B 97 6.77 5.99 -11.03
N LEU B 98 8.07 5.69 -11.10
CA LEU B 98 8.99 6.52 -11.89
C LEU B 98 8.73 6.46 -13.39
N LYS B 99 8.32 5.29 -13.88
CA LYS B 99 8.04 5.16 -15.30
C LYS B 99 6.83 6.02 -15.69
N GLU B 100 5.94 6.25 -14.74
CA GLU B 100 4.74 7.04 -15.00
C GLU B 100 4.88 8.51 -14.59
N LYS B 101 6.06 8.88 -14.10
CA LYS B 101 6.33 10.25 -13.66
C LYS B 101 6.80 11.19 -14.76
N GLU B 102 6.16 12.34 -14.85
CA GLU B 102 6.53 13.33 -15.85
C GLU B 102 7.86 14.01 -15.47
N SER B 103 8.65 14.35 -16.48
CA SER B 103 9.94 15.00 -16.28
C SER B 103 9.77 16.50 -15.98
N PRO B 104 10.70 17.09 -15.21
CA PRO B 104 11.90 16.51 -14.59
C PRO B 104 11.63 15.71 -13.33
N ARG B 105 12.12 14.48 -13.29
CA ARG B 105 11.92 13.61 -12.12
C ARG B 105 12.96 13.77 -11.00
N ILE B 106 12.50 13.66 -9.75
CA ILE B 106 13.39 13.70 -8.58
C ILE B 106 13.30 12.26 -8.04
N VAL B 107 14.46 11.61 -7.97
CA VAL B 107 14.61 10.20 -7.54
C VAL B 107 15.29 10.01 -6.19
N LYS B 108 14.60 9.33 -5.26
CA LYS B 108 15.18 9.04 -3.94
C LYS B 108 15.78 7.63 -3.88
N THR B 109 16.92 7.48 -3.20
CA THR B 109 17.59 6.18 -3.03
C THR B 109 18.50 6.10 -1.79
N HIS B 110 18.72 4.88 -1.29
CA HIS B 110 19.61 4.64 -0.14
C HIS B 110 20.77 3.71 -0.58
N LEU B 111 20.89 3.44 -1.88
CA LEU B 111 21.93 2.53 -2.40
C LEU B 111 23.37 3.09 -2.50
N PRO B 112 24.37 2.23 -2.22
CA PRO B 112 25.79 2.63 -2.32
C PRO B 112 26.08 2.76 -3.83
N PRO B 113 27.16 3.45 -4.24
CA PRO B 113 27.45 3.60 -5.68
C PRO B 113 27.49 2.33 -6.54
N LYS B 114 28.06 1.25 -5.99
CA LYS B 114 28.16 -0.01 -6.74
C LYS B 114 26.82 -0.67 -7.07
N LEU B 115 25.74 -0.25 -6.41
CA LEU B 115 24.42 -0.85 -6.67
C LEU B 115 23.45 0.06 -7.42
N LEU B 116 23.81 1.34 -7.60
CA LEU B 116 22.95 2.27 -8.32
C LEU B 116 22.85 1.92 -9.82
N PRO B 117 21.64 2.03 -10.43
CA PRO B 117 21.50 1.72 -11.86
C PRO B 117 22.56 2.44 -12.71
N ALA B 118 23.34 1.70 -13.49
CA ALA B 118 24.41 2.31 -14.28
C ALA B 118 23.99 3.42 -15.24
N SER B 119 22.73 3.41 -15.66
CA SER B 119 22.22 4.42 -16.58
C SER B 119 22.39 5.85 -16.06
N PHE B 120 22.33 6.01 -14.74
CA PHE B 120 22.47 7.33 -14.12
C PHE B 120 23.89 7.88 -14.35
N TRP B 121 24.91 7.02 -14.26
CA TRP B 121 26.29 7.44 -14.49
C TRP B 121 26.47 7.69 -15.99
N GLU B 122 25.98 6.75 -16.79
CA GLU B 122 26.08 6.83 -18.25
C GLU B 122 25.50 8.13 -18.81
N LYS B 123 24.38 8.57 -18.26
CA LYS B 123 23.75 9.79 -18.73
C LYS B 123 24.26 11.06 -18.03
N ASN B 124 25.23 10.91 -17.13
CA ASN B 124 25.85 12.04 -16.42
C ASN B 124 24.87 12.90 -15.60
N CYS B 125 23.86 12.27 -14.99
CA CYS B 125 22.85 12.97 -14.19
C CYS B 125 23.42 13.67 -12.96
N LYS B 126 22.82 14.80 -12.58
CA LYS B 126 23.24 15.52 -11.37
C LYS B 126 22.77 14.71 -10.16
N MET B 127 23.52 14.78 -9.07
CA MET B 127 23.17 14.06 -7.85
C MET B 127 23.54 14.85 -6.59
N ILE B 128 22.78 14.61 -5.52
CA ILE B 128 23.03 15.24 -4.22
C ILE B 128 23.14 14.14 -3.17
N TYR B 129 24.27 14.09 -2.46
CA TYR B 129 24.48 13.11 -1.38
C TYR B 129 24.53 13.82 -0.02
N LEU B 130 23.76 13.34 0.96
CA LEU B 130 23.73 13.94 2.29
C LEU B 130 24.11 12.92 3.37
N CYS B 131 24.95 13.35 4.30
CA CYS B 131 25.37 12.48 5.41
C CYS B 131 25.21 13.17 6.79
N ARG B 132 25.34 12.39 7.86
CA ARG B 132 25.14 12.86 9.24
C ARG B 132 26.16 12.11 10.12
N ASN B 133 26.58 12.68 11.26
CA ASN B 133 27.56 11.95 12.06
C ASN B 133 27.07 10.57 12.48
N ALA B 134 27.96 9.58 12.39
CA ALA B 134 27.64 8.18 12.67
C ALA B 134 26.93 7.81 13.99
N LYS B 135 27.33 8.45 15.10
CA LYS B 135 26.71 8.13 16.38
C LYS B 135 25.24 8.55 16.41
N ASP B 136 24.93 9.71 15.82
CA ASP B 136 23.56 10.20 15.79
C ASP B 136 22.70 9.40 14.81
N VAL B 137 23.32 8.88 13.75
CA VAL B 137 22.61 8.05 12.76
C VAL B 137 22.18 6.73 13.42
N ALA B 138 23.05 6.16 14.25
CA ALA B 138 22.77 4.90 14.94
C ALA B 138 21.57 5.00 15.89
N VAL B 139 21.44 6.15 16.57
CA VAL B 139 20.32 6.38 17.48
C VAL B 139 19.01 6.43 16.66
N SER B 140 19.02 7.22 15.59
CA SER B 140 17.85 7.36 14.73
C SER B 140 17.44 6.05 14.06
N TYR B 141 18.41 5.24 13.64
CA TYR B 141 18.15 3.97 12.99
C TYR B 141 17.56 2.95 13.97
N TYR B 142 18.02 2.96 15.21
CA TYR B 142 17.52 2.05 16.23
C TYR B 142 16.00 2.23 16.42
N TYR B 143 15.56 3.47 16.53
CA TYR B 143 14.13 3.76 16.71
C TYR B 143 13.33 3.40 15.45
N PHE B 144 13.96 3.53 14.29
CA PHE B 144 13.29 3.22 13.03
C PHE B 144 12.93 1.73 12.97
N LEU B 145 13.82 0.87 13.48
CA LEU B 145 13.56 -0.57 13.47
C LEU B 145 12.37 -0.90 14.37
N LEU B 146 12.21 -0.14 15.45
CA LEU B 146 11.11 -0.35 16.38
C LEU B 146 9.81 0.08 15.71
N MET B 147 9.87 1.17 14.93
CA MET B 147 8.72 1.72 14.20
C MET B 147 8.17 0.79 13.11
N ILE B 148 9.06 0.20 12.31
CA ILE B 148 8.66 -0.71 11.24
C ILE B 148 8.14 -2.05 11.80
N THR B 149 6.84 -2.30 11.61
CA THR B 149 6.21 -3.51 12.15
C THR B 149 6.82 -4.84 11.72
N SER B 150 7.23 -4.97 10.46
CA SER B 150 7.82 -6.23 9.99
C SER B 150 9.31 -6.40 10.26
N TYR B 151 9.93 -5.44 10.94
CA TYR B 151 11.36 -5.52 11.27
C TYR B 151 11.51 -5.95 12.73
N PRO B 152 12.26 -7.01 13.01
CA PRO B 152 12.43 -7.45 14.41
C PRO B 152 13.09 -6.39 15.32
N ASN B 153 12.45 -6.11 16.46
CA ASN B 153 12.96 -5.12 17.41
C ASN B 153 14.27 -5.56 18.05
N PRO B 154 15.31 -4.69 18.02
CA PRO B 154 16.58 -5.08 18.64
C PRO B 154 16.38 -5.33 20.15
N LYS B 155 17.10 -6.31 20.68
CA LYS B 155 16.99 -6.65 22.09
C LYS B 155 17.42 -5.50 23.00
N SER B 156 18.27 -4.61 22.46
CA SER B 156 18.76 -3.46 23.20
C SER B 156 19.56 -2.56 22.26
N PHE B 157 19.75 -1.30 22.66
CA PHE B 157 20.50 -0.36 21.85
C PHE B 157 21.93 -0.84 21.60
N SER B 158 22.58 -1.36 22.64
CA SER B 158 23.96 -1.84 22.51
C SER B 158 24.07 -2.96 21.48
N GLU B 159 23.14 -3.91 21.53
CA GLU B 159 23.13 -5.00 20.58
C GLU B 159 22.99 -4.47 19.16
N PHE B 160 22.18 -3.43 18.98
CA PHE B 160 22.00 -2.82 17.66
C PHE B 160 23.33 -2.16 17.18
N VAL B 161 24.04 -1.51 18.12
CA VAL B 161 25.30 -0.84 17.79
C VAL B 161 26.39 -1.82 17.35
N GLU B 162 26.42 -3.00 17.97
CA GLU B 162 27.40 -4.00 17.59
C GLU B 162 27.12 -4.38 16.13
N LYS B 163 25.85 -4.50 15.77
CA LYS B 163 25.49 -4.85 14.38
C LYS B 163 25.89 -3.71 13.43
N PHE B 164 25.64 -2.48 13.86
CA PHE B 164 25.97 -1.30 13.07
C PHE B 164 27.47 -1.25 12.74
N MET B 165 28.30 -1.51 13.75
CA MET B 165 29.75 -1.48 13.55
C MET B 165 30.20 -2.54 12.56
N GLN B 166 29.46 -3.65 12.48
CA GLN B 166 29.78 -4.76 11.57
C GLN B 166 29.16 -4.59 10.17
N GLY B 167 28.33 -3.57 10.02
CA GLY B 167 27.66 -3.35 8.76
C GLY B 167 26.54 -4.37 8.54
N GLN B 168 26.05 -4.95 9.63
CA GLN B 168 24.99 -5.94 9.57
C GLN B 168 23.60 -5.36 9.88
N VAL B 169 23.26 -4.30 9.16
CA VAL B 169 21.98 -3.60 9.25
C VAL B 169 21.55 -3.32 7.80
N PRO B 170 20.25 -3.07 7.56
CA PRO B 170 19.85 -2.82 6.16
C PRO B 170 20.65 -1.70 5.49
N TYR B 171 21.11 -1.98 4.27
CA TYR B 171 21.91 -1.10 3.41
C TYR B 171 23.43 -1.16 3.73
N GLY B 172 23.78 -2.09 4.61
CA GLY B 172 25.19 -2.34 4.95
C GLY B 172 25.99 -1.35 5.78
N SER B 173 27.30 -1.38 5.57
CA SER B 173 28.25 -0.53 6.28
C SER B 173 28.14 0.97 5.99
N TRP B 174 27.88 1.77 7.04
CA TRP B 174 27.79 3.23 6.91
C TRP B 174 29.16 3.76 6.45
N TYR B 175 30.22 3.17 6.98
CA TYR B 175 31.59 3.58 6.63
C TYR B 175 31.87 3.45 5.13
N ASP B 176 31.58 2.28 4.55
CA ASP B 176 31.78 2.04 3.10
C ASP B 176 30.88 2.93 2.26
N HIS B 177 29.67 3.19 2.74
CA HIS B 177 28.68 4.03 2.05
C HIS B 177 29.20 5.47 1.88
N VAL B 178 29.65 6.07 2.98
CA VAL B 178 30.16 7.44 2.97
C VAL B 178 31.45 7.57 2.17
N LYS B 179 32.39 6.65 2.39
CA LYS B 179 33.67 6.69 1.68
C LYS B 179 33.51 6.60 0.15
N ALA B 180 32.65 5.69 -0.32
CA ALA B 180 32.44 5.54 -1.76
C ALA B 180 31.74 6.73 -2.40
N TRP B 181 30.74 7.29 -1.74
CA TRP B 181 30.04 8.45 -2.28
C TRP B 181 30.94 9.71 -2.23
N TRP B 182 31.85 9.78 -1.25
CA TRP B 182 32.76 10.91 -1.14
C TRP B 182 33.68 10.90 -2.37
N GLU B 183 34.14 9.71 -2.76
CA GLU B 183 35.02 9.58 -3.93
C GLU B 183 34.30 10.02 -5.20
N LYS B 184 33.02 9.67 -5.33
CA LYS B 184 32.24 10.05 -6.50
C LYS B 184 32.04 11.56 -6.57
N SER B 185 32.01 12.21 -5.41
CA SER B 185 31.81 13.66 -5.37
C SER B 185 32.95 14.48 -5.94
N LYS B 186 33.96 13.81 -6.49
CA LYS B 186 35.08 14.51 -7.12
C LYS B 186 34.50 15.17 -8.36
N ASN B 187 33.43 14.57 -8.88
CA ASN B 187 32.73 15.06 -10.06
C ASN B 187 31.95 16.34 -9.70
N SER B 188 32.07 17.36 -10.54
CA SER B 188 31.38 18.63 -10.27
C SER B 188 29.86 18.49 -10.32
N ARG B 189 29.37 17.38 -10.86
CA ARG B 189 27.93 17.15 -10.95
C ARG B 189 27.35 16.34 -9.79
N VAL B 190 28.19 16.01 -8.81
CA VAL B 190 27.75 15.27 -7.63
C VAL B 190 28.05 16.12 -6.39
N LEU B 191 27.01 16.72 -5.79
CA LEU B 191 27.15 17.57 -4.61
C LEU B 191 27.15 16.79 -3.27
N PHE B 192 28.12 17.06 -2.39
CA PHE B 192 28.24 16.37 -1.10
C PHE B 192 27.88 17.35 0.03
N MET B 193 26.93 16.97 0.89
CA MET B 193 26.47 17.84 1.99
C MET B 193 26.30 17.16 3.36
N PHE B 194 26.23 17.97 4.43
CA PHE B 194 26.10 17.46 5.82
C PHE B 194 24.87 17.96 6.60
N TYR B 195 24.27 17.06 7.37
CA TYR B 195 23.09 17.36 8.19
C TYR B 195 23.39 18.47 9.21
N GLU B 196 24.56 18.38 9.85
CA GLU B 196 24.97 19.37 10.85
C GLU B 196 25.22 20.77 10.27
N ASP B 197 25.52 20.86 8.98
CA ASP B 197 25.74 22.14 8.34
C ASP B 197 24.37 22.79 8.10
N MET B 198 23.36 21.97 7.79
CA MET B 198 22.00 22.46 7.58
C MET B 198 21.42 22.94 8.93
N LYS B 199 21.82 22.28 10.02
CA LYS B 199 21.37 22.66 11.35
C LYS B 199 22.01 23.98 11.83
N GLU B 200 23.32 24.13 11.63
CA GLU B 200 24.01 25.33 12.10
C GLU B 200 24.09 26.54 11.15
N ASP B 201 23.82 26.32 9.87
CA ASP B 201 23.88 27.42 8.91
C ASP B 201 22.97 27.14 7.71
N ILE B 202 21.67 27.09 7.98
CA ILE B 202 20.67 26.82 6.95
C ILE B 202 20.64 27.77 5.74
N ARG B 203 20.72 29.07 5.98
CA ARG B 203 20.68 30.03 4.89
C ARG B 203 21.78 29.73 3.85
N ARG B 204 22.96 29.42 4.35
CA ARG B 204 24.09 29.14 3.49
C ARG B 204 23.90 27.88 2.64
N GLU B 205 23.41 26.82 3.27
CA GLU B 205 23.19 25.55 2.57
C GLU B 205 22.10 25.65 1.50
N VAL B 206 21.05 26.43 1.79
CA VAL B 206 19.95 26.60 0.82
C VAL B 206 20.42 27.36 -0.40
N VAL B 207 21.20 28.42 -0.19
CA VAL B 207 21.72 29.22 -1.32
C VAL B 207 22.62 28.35 -2.18
N LYS B 208 23.41 27.48 -1.54
CA LYS B 208 24.31 26.56 -2.25
C LYS B 208 23.53 25.59 -3.15
N LEU B 209 22.41 25.08 -2.63
CA LEU B 209 21.57 24.15 -3.39
C LEU B 209 20.88 24.85 -4.57
N ILE B 210 20.38 26.06 -4.36
CA ILE B 210 19.73 26.81 -5.42
C ILE B 210 20.70 27.06 -6.58
N GLU B 211 21.95 27.37 -6.24
CA GLU B 211 22.97 27.62 -7.24
C GLU B 211 23.41 26.37 -8.00
N PHE B 212 23.53 25.24 -7.30
CA PHE B 212 23.92 23.98 -7.93
C PHE B 212 22.87 23.57 -8.96
N LEU B 213 21.59 23.86 -8.66
CA LEU B 213 20.51 23.51 -9.56
C LEU B 213 20.27 24.59 -10.62
N GLU B 214 21.20 25.54 -10.69
CA GLU B 214 21.13 26.63 -11.65
C GLU B 214 19.93 27.55 -11.58
N ARG B 215 19.69 28.14 -10.41
CA ARG B 215 18.59 29.07 -10.23
C ARG B 215 19.06 30.31 -9.49
N LYS B 216 18.25 31.35 -9.57
CA LYS B 216 18.56 32.62 -8.93
C LYS B 216 18.15 32.64 -7.47
N PRO B 217 19.14 32.77 -6.57
CA PRO B 217 18.85 32.81 -5.14
C PRO B 217 18.36 34.21 -4.72
N SER B 218 17.05 34.33 -4.51
CA SER B 218 16.46 35.60 -4.11
C SER B 218 16.11 35.50 -2.63
N ALA B 219 16.10 36.64 -1.94
CA ALA B 219 15.77 36.67 -0.51
C ALA B 219 14.38 36.09 -0.24
N GLU B 220 13.44 36.34 -1.14
CA GLU B 220 12.08 35.83 -0.99
C GLU B 220 12.04 34.31 -1.00
N LEU B 221 12.61 33.71 -2.05
CA LEU B 221 12.63 32.25 -2.19
C LEU B 221 13.36 31.57 -1.06
N VAL B 222 14.53 32.09 -0.71
CA VAL B 222 15.34 31.52 0.34
C VAL B 222 14.65 31.56 1.71
N ASP B 223 13.91 32.64 1.98
CA ASP B 223 13.22 32.77 3.25
C ASP B 223 12.04 31.81 3.35
N ARG B 224 11.28 31.69 2.25
CA ARG B 224 10.13 30.80 2.20
C ARG B 224 10.54 29.37 2.55
N ILE B 225 11.59 28.89 1.88
CA ILE B 225 12.10 27.54 2.09
C ILE B 225 12.54 27.32 3.54
N ILE B 226 13.29 28.27 4.07
CA ILE B 226 13.77 28.18 5.45
C ILE B 226 12.59 28.10 6.43
N GLN B 227 11.53 28.81 6.10
CA GLN B 227 10.34 28.86 6.94
C GLN B 227 9.50 27.58 6.88
N HIS B 228 9.27 27.07 5.67
CA HIS B 228 8.48 25.86 5.50
C HIS B 228 9.19 24.57 5.88
N THR B 229 10.52 24.57 5.89
CA THR B 229 11.23 23.34 6.20
C THR B 229 11.82 23.17 7.59
N SER B 230 11.36 23.96 8.55
CA SER B 230 11.84 23.81 9.91
C SER B 230 11.33 22.45 10.44
N PHE B 231 11.94 21.94 11.51
CA PHE B 231 11.52 20.66 12.08
C PHE B 231 10.10 20.75 12.62
N GLN B 232 9.77 21.87 13.28
CA GLN B 232 8.44 22.05 13.84
C GLN B 232 7.39 22.08 12.71
N GLU B 233 7.72 22.76 11.62
CA GLU B 233 6.83 22.85 10.48
C GLU B 233 6.57 21.48 9.87
N MET B 234 7.64 20.76 9.56
CA MET B 234 7.55 19.45 8.94
C MET B 234 6.94 18.35 9.81
N LYS B 235 7.03 18.52 11.13
CA LYS B 235 6.48 17.54 12.06
C LYS B 235 4.95 17.62 12.07
N ASN B 236 4.42 18.78 11.74
CA ASN B 236 2.97 18.99 11.73
C ASN B 236 2.33 18.98 10.35
N ASN B 237 3.16 18.81 9.31
CA ASN B 237 2.67 18.74 7.93
C ASN B 237 2.42 17.24 7.62
N PRO B 238 1.14 16.87 7.40
CA PRO B 238 0.80 15.46 7.11
C PRO B 238 1.46 14.89 5.85
N SER B 239 1.86 15.76 4.94
CA SER B 239 2.50 15.33 3.69
C SER B 239 3.93 14.85 3.94
N THR B 240 4.59 15.43 4.93
CA THR B 240 5.97 15.07 5.24
C THR B 240 6.22 14.26 6.50
N ASN B 241 5.27 14.20 7.44
CA ASN B 241 5.51 13.45 8.67
C ASN B 241 5.19 11.95 8.63
N TYR B 242 4.89 11.44 7.43
CA TYR B 242 4.58 10.02 7.18
C TYR B 242 3.31 9.46 7.82
N THR B 243 2.33 10.33 8.11
CA THR B 243 1.06 9.87 8.70
C THR B 243 0.16 9.38 7.59
N MET B 244 0.58 9.64 6.35
CA MET B 244 -0.16 9.22 5.15
C MET B 244 0.18 7.76 4.82
N MET B 245 1.03 7.16 5.66
CA MET B 245 1.43 5.76 5.50
C MET B 245 0.79 4.98 6.66
N PRO B 246 0.03 3.91 6.35
CA PRO B 246 -0.66 3.06 7.34
C PRO B 246 0.14 2.62 8.57
N GLU B 247 -0.50 2.71 9.73
CA GLU B 247 0.10 2.32 10.99
C GLU B 247 0.42 0.82 11.02
N GLU B 248 -0.25 0.05 10.16
CA GLU B 248 0.01 -1.40 10.09
C GLU B 248 1.42 -1.66 9.55
N MET B 249 1.95 -0.69 8.80
CA MET B 249 3.29 -0.79 8.21
C MET B 249 4.32 -0.05 9.05
N MET B 250 3.98 1.19 9.43
CA MET B 250 4.86 2.05 10.24
C MET B 250 4.04 2.58 11.40
N ASN B 251 4.26 2.01 12.59
CA ASN B 251 3.53 2.41 13.80
C ASN B 251 4.19 3.54 14.60
N GLN B 252 3.73 4.76 14.37
CA GLN B 252 4.30 5.94 15.04
C GLN B 252 3.85 6.08 16.49
N LYS B 253 3.04 5.14 16.96
CA LYS B 253 2.60 5.16 18.35
C LYS B 253 3.80 4.63 19.12
N VAL B 254 4.59 3.78 18.45
CA VAL B 254 5.81 3.20 19.04
C VAL B 254 6.92 4.26 19.05
N SER B 255 7.07 4.95 17.92
CA SER B 255 8.06 6.01 17.77
C SER B 255 7.70 6.83 16.53
N PRO B 256 7.60 8.16 16.67
CA PRO B 256 7.24 9.04 15.54
C PRO B 256 8.40 9.26 14.56
N PHE B 257 8.05 9.57 13.31
CA PHE B 257 9.08 9.79 12.27
C PHE B 257 9.87 11.06 12.61
N MET B 258 9.17 12.16 12.88
CA MET B 258 9.84 13.40 13.26
C MET B 258 10.00 13.26 14.77
N ARG B 259 11.10 12.61 15.17
CA ARG B 259 11.41 12.31 16.56
C ARG B 259 11.92 13.48 17.40
N LYS B 260 13.18 13.87 17.20
CA LYS B 260 13.76 14.98 17.97
C LYS B 260 14.35 16.06 17.08
N GLY B 261 15.05 15.64 16.01
CA GLY B 261 15.66 16.57 15.08
C GLY B 261 16.80 17.42 15.64
N ILE B 262 17.63 16.81 16.48
CA ILE B 262 18.75 17.55 17.07
C ILE B 262 20.12 16.92 16.81
N ILE B 263 21.15 17.60 17.29
CA ILE B 263 22.52 17.13 17.17
C ILE B 263 22.91 16.69 18.58
N GLY B 264 23.50 15.51 18.72
CA GLY B 264 23.92 15.05 20.02
C GLY B 264 23.07 14.09 20.86
N ASP B 265 22.04 13.48 20.29
CA ASP B 265 21.21 12.54 21.06
C ASP B 265 21.99 11.29 21.47
N TRP B 266 23.16 11.06 20.87
CA TRP B 266 23.97 9.91 21.23
C TRP B 266 24.37 9.97 22.72
N LYS B 267 24.42 11.19 23.26
CA LYS B 267 24.79 11.39 24.66
C LYS B 267 23.77 10.80 25.63
N ASN B 268 22.55 10.58 25.14
CA ASN B 268 21.49 10.02 25.96
C ASN B 268 21.27 8.52 25.76
N HIS B 269 22.11 7.89 24.93
CA HIS B 269 21.98 6.45 24.65
C HIS B 269 23.24 5.59 24.79
N PHE B 270 24.39 6.16 24.45
CA PHE B 270 25.67 5.45 24.51
C PHE B 270 26.34 5.40 25.89
N PRO B 271 26.49 4.21 26.49
CA PRO B 271 27.16 4.22 27.80
C PRO B 271 28.62 4.59 27.49
N GLU B 272 29.39 5.00 28.50
CA GLU B 272 30.79 5.40 28.27
C GLU B 272 31.68 4.34 27.62
N ALA B 273 31.62 3.12 28.16
CA ALA B 273 32.41 2.00 27.64
C ALA B 273 32.14 1.79 26.16
N LEU B 274 30.86 1.79 25.78
CA LEU B 274 30.47 1.58 24.38
C LEU B 274 30.97 2.72 23.48
N ARG B 275 30.84 3.96 23.94
CA ARG B 275 31.27 5.10 23.16
C ARG B 275 32.77 5.05 22.83
N GLU B 276 33.58 4.66 23.81
CA GLU B 276 35.02 4.55 23.60
C GLU B 276 35.33 3.54 22.50
N ARG B 277 34.72 2.37 22.57
CA ARG B 277 34.92 1.32 21.57
C ARG B 277 34.46 1.74 20.17
N PHE B 278 33.32 2.42 20.10
CA PHE B 278 32.78 2.88 18.83
C PHE B 278 33.73 3.89 18.18
N ASP B 279 34.11 4.91 18.94
CA ASP B 279 35.00 5.96 18.44
C ASP B 279 36.36 5.40 18.03
N GLU B 280 36.83 4.38 18.75
CA GLU B 280 38.12 3.77 18.41
C GLU B 280 37.95 3.06 17.06
N HIS B 281 36.86 2.33 16.91
CA HIS B 281 36.55 1.59 15.68
C HIS B 281 36.39 2.56 14.50
N TYR B 282 35.75 3.69 14.75
CA TYR B 282 35.53 4.70 13.73
C TYR B 282 36.87 5.15 13.17
N LYS B 283 37.80 5.45 14.08
CA LYS B 283 39.13 5.91 13.69
C LYS B 283 39.82 4.97 12.69
N GLN B 284 39.82 3.68 13.01
CA GLN B 284 40.43 2.66 12.17
C GLN B 284 39.75 2.60 10.80
N GLN B 285 38.44 2.79 10.77
CA GLN B 285 37.66 2.75 9.54
C GLN B 285 37.82 3.98 8.66
N MET B 286 37.82 5.16 9.26
CA MET B 286 37.88 6.40 8.49
C MET B 286 39.24 7.08 8.42
N LYS B 287 40.30 6.31 8.70
CA LYS B 287 41.68 6.81 8.68
C LYS B 287 42.08 7.63 7.44
N ASP B 288 42.04 6.99 6.28
CA ASP B 288 42.45 7.64 5.05
C ASP B 288 41.38 8.42 4.26
N CYS B 289 40.30 8.81 4.91
CA CYS B 289 39.24 9.55 4.22
C CYS B 289 39.31 11.05 4.57
N THR B 290 39.27 11.90 3.55
CA THR B 290 39.38 13.33 3.78
C THR B 290 38.11 14.12 4.12
N VAL B 291 36.95 13.46 4.07
CA VAL B 291 35.66 14.10 4.36
C VAL B 291 35.74 15.00 5.60
N LYS B 292 35.13 16.18 5.54
CA LYS B 292 35.15 17.12 6.67
C LYS B 292 33.81 17.26 7.42
N PHE B 293 33.66 16.52 8.52
CA PHE B 293 32.45 16.60 9.34
C PHE B 293 32.62 17.81 10.27
N ARG B 294 31.51 18.40 10.72
CA ARG B 294 31.54 19.56 11.60
C ARG B 294 31.87 19.19 13.04
N MET B 295 32.69 20.01 13.68
CA MET B 295 33.07 19.80 15.08
C MET B 295 31.85 19.96 16.01
P1 A3P C . -15.32 -19.32 1.52
O1P A3P C . -14.79 -18.47 2.60
O2P A3P C . -14.38 -20.38 1.16
O3P A3P C . -16.63 -19.88 1.89
P2 A3P C . -15.11 -12.59 -2.13
O4P A3P C . -14.28 -12.68 -3.34
O5P A3P C . -16.36 -11.87 -2.41
O6P A3P C . -14.37 -11.95 -1.01
O5' A3P C . -15.52 -14.09 -1.71
C5' A3P C . -14.61 -15.06 -1.18
C4' A3P C . -15.30 -16.45 -1.18
O4' A3P C . -15.37 -16.94 -2.56
C3' A3P C . -14.57 -17.54 -0.40
O3' A3P C . -15.57 -18.40 0.23
C2' A3P C . -13.74 -18.22 -1.51
O2' A3P C . -13.25 -19.53 -1.23
C1' A3P C . -14.75 -18.22 -2.64
N9 A3P C . -14.14 -18.44 -3.98
C8 A3P C . -13.14 -17.72 -4.60
N7 A3P C . -12.81 -18.16 -5.79
C5 A3P C . -13.65 -19.24 -5.99
C6 A3P C . -13.83 -20.17 -7.07
N6 A3P C . -13.12 -20.13 -8.21
N1 A3P C . -14.78 -21.15 -6.93
C2 A3P C . -15.51 -21.23 -5.79
N3 A3P C . -15.45 -20.41 -4.70
C4 A3P C . -14.50 -19.44 -4.86
C1 EST D . -9.95 -6.43 0.35
C2 EST D . -10.93 -6.90 -0.56
C3 EST D . -12.29 -6.75 -0.25
O3 EST D . -13.24 -7.21 -1.13
C4 EST D . -12.69 -6.14 0.98
C5 EST D . -11.71 -5.66 1.91
C6 EST D . -12.17 -5.01 3.24
C7 EST D . -11.04 -4.56 4.18
C8 EST D . -9.76 -4.12 3.45
C9 EST D . -9.22 -5.30 2.56
C10 EST D . -10.30 -5.81 1.59
C11 EST D . -7.92 -4.84 1.85
C12 EST D . -6.82 -4.34 2.79
C13 EST D . -7.32 -3.18 3.65
C14 EST D . -8.60 -3.66 4.45
C15 EST D . -8.79 -2.56 5.48
C16 EST D . -7.32 -2.29 5.99
C17 EST D . -6.39 -2.82 4.86
O17 EST D . -5.26 -1.95 4.62
C18 EST D . -7.56 -1.87 2.79
P1 A3P E . 15.97 11.81 14.61
O1P A3P E . 15.48 10.43 14.71
O2P A3P E . 15.00 12.78 15.21
O3P A3P E . 17.30 11.93 15.24
P2 A3P E . 15.45 10.33 7.10
O4P A3P E . 14.54 11.25 6.42
O5P A3P E . 16.67 10.12 6.27
O6P A3P E . 14.78 9.04 7.39
O5' A3P E . 15.89 11.00 8.49
C5' A3P E . 15.02 11.16 9.62
C4' A3P E . 15.75 12.03 10.67
O4' A3P E . 15.77 13.41 10.16
C3' A3P E . 15.06 12.10 12.05
O3' A3P E . 16.11 12.18 13.06
C2' A3P E . 14.19 13.35 11.88
O2' A3P E . 13.67 13.94 13.06
C1' A3P E . 15.14 14.27 11.11
N9 A3P E . 14.47 15.40 10.45
C8 A3P E . 13.44 15.39 9.53
N7 A3P E . 13.06 16.58 9.12
C5 A3P E . 13.88 17.45 9.81
C6 A3P E . 13.99 18.89 9.84
N6 A3P E . 13.22 19.70 9.10
N1 A3P E . 14.94 19.44 10.65
C2 A3P E . 15.74 18.64 11.40
N3 A3P E . 15.73 17.28 11.47
C4 A3P E . 14.78 16.75 10.64
C1 EST F . 10.38 4.27 4.34
C2 EST F . 11.30 5.32 4.11
C3 EST F . 12.68 5.05 4.13
O3 EST F . 13.58 6.08 3.90
C4 EST F . 13.16 3.73 4.38
C5 EST F . 12.24 2.66 4.62
C6 EST F . 12.79 1.24 4.89
C7 EST F . 11.71 0.14 5.14
C8 EST F . 10.39 0.39 4.40
C9 EST F . 9.79 1.79 4.83
C10 EST F . 10.80 2.93 4.58
C11 EST F . 8.45 2.00 4.08
C12 EST F . 7.40 0.89 4.30
C13 EST F . 7.97 -0.47 3.87
C14 EST F . 9.31 -0.75 4.68
C15 EST F . 9.57 -2.22 4.41
C16 EST F . 8.14 -2.89 4.54
C17 EST F . 7.13 -1.71 4.34
O17 EST F . 5.99 -2.09 3.53
C18 EST F . 8.12 -0.56 2.30
#